data_5MF6
#
_entry.id   5MF6
#
_cell.length_a   91.300
_cell.length_b   91.300
_cell.length_c   144.317
_cell.angle_alpha   90.00
_cell.angle_beta   90.00
_cell.angle_gamma   120.00
#
_symmetry.space_group_name_H-M   'P 63'
#
loop_
_entity.id
_entity.type
_entity.pdbx_description
1 polymer 'NAD-dependent protein deacetylase sirtuin-6'
2 non-polymer '[(2R,3S,4R,5R)-5-(6-AMINOPURIN-9-YL)-3,4-DIHYDROXY-OXOLAN-2-YL]METHYL [HYDROXY-[[(2R,3S,4R,5S)-3,4,5-TRIHYDROXYOXOLAN-2-YL]METHOXY]PHOSPHORYL] HYDROGEN PHOSPHATE'
3 non-polymer 'ZINC ION'
4 non-polymer 'SULFATE ION'
5 non-polymer 1,2-ETHANEDIOL
6 non-polymer 'TRIETHYLENE GLYCOL'
7 non-polymer (4~{R})-4-pyridin-3-yl-4,5-dihydropyrrolo[1,2-a]quinoxaline
8 water water
#
_entity_poly.entity_id   1
_entity_poly.type   'polypeptide(L)'
_entity_poly.pdbx_seq_one_letter_code
;GIDPFTADKGKCGLPEIFDPPEELERKVWELARLVWQSSSVVFHTGAGISTASGIPDFRGPHGVWTMEERGLAPKFDTTF
ESARPTQTHMALVQLERVGLLRFLVSQNVDGLHVRSGFPRDKLAELHGNMFVEECAKCKTQYVRDTVVGTMGLKATGRLC
TVAKARGLRACRGELRDTILDWEDSLPDRDLALADEASRNADLSITLGTSLQIRPSGNLPLATKRRGGRLVIVNLQPTKH
DRHADLRIHGYVDEVMTRLMKHLGLEIPAWDGPRVLERALPPLPRPPTPKLEPKEESPTRIN
;
_entity_poly.pdbx_strand_id   A,B
#
# COMPACT_ATOMS: atom_id res chain seq x y z
N PRO A 4 26.93 17.12 -5.62
CA PRO A 4 25.70 17.29 -4.78
C PRO A 4 24.41 17.65 -5.58
N PHE A 5 24.54 18.73 -6.37
CA PHE A 5 23.60 19.07 -7.44
C PHE A 5 23.97 18.28 -8.73
N THR A 6 25.25 17.91 -8.86
CA THR A 6 25.76 17.05 -9.95
C THR A 6 26.18 15.60 -9.49
N ALA A 7 25.80 15.16 -8.26
CA ALA A 7 25.83 13.72 -7.92
C ALA A 7 25.23 12.88 -9.06
N ASP A 8 25.92 11.80 -9.46
CA ASP A 8 25.51 10.87 -10.50
C ASP A 8 24.34 10.02 -10.00
N LYS A 9 23.19 10.17 -10.63
CA LYS A 9 21.95 9.51 -10.15
C LYS A 9 21.74 8.17 -10.90
N GLY A 10 22.68 7.79 -11.74
CA GLY A 10 22.69 6.56 -12.52
C GLY A 10 21.67 6.57 -13.58
N LYS A 11 21.30 5.36 -14.03
CA LYS A 11 20.33 5.21 -15.09
C LYS A 11 18.90 5.25 -14.58
N CYS A 12 18.12 6.18 -15.07
CA CYS A 12 16.78 6.42 -14.60
C CYS A 12 15.79 6.12 -15.65
N GLY A 13 14.66 5.60 -15.27
CA GLY A 13 13.50 5.45 -16.14
C GLY A 13 13.60 4.36 -17.25
N LEU A 14 14.42 3.34 -17.03
CA LEU A 14 14.58 2.23 -18.00
C LEU A 14 13.24 1.54 -18.08
N PRO A 15 12.95 0.95 -19.26
CA PRO A 15 11.72 0.25 -19.48
C PRO A 15 11.49 -0.90 -18.46
N GLU A 16 10.25 -1.07 -18.09
CA GLU A 16 9.86 -2.19 -17.17
C GLU A 16 9.70 -3.43 -18.02
N ILE A 17 9.98 -4.57 -17.43
CA ILE A 17 9.77 -5.91 -18.05
C ILE A 17 8.75 -6.73 -17.25
N PHE A 18 7.90 -7.47 -17.93
CA PHE A 18 6.84 -8.24 -17.24
C PHE A 18 6.91 -9.64 -17.75
N ASP A 19 7.41 -10.54 -16.93
CA ASP A 19 7.30 -12.01 -17.20
C ASP A 19 5.91 -12.42 -17.40
N PRO A 20 5.66 -13.19 -18.47
CA PRO A 20 4.24 -13.52 -18.65
C PRO A 20 3.93 -14.63 -17.62
N PRO A 21 2.65 -14.83 -17.35
CA PRO A 21 2.14 -15.50 -16.16
C PRO A 21 2.69 -16.93 -15.94
N GLU A 22 2.79 -17.71 -17.01
CA GLU A 22 3.27 -19.06 -16.85
C GLU A 22 4.74 -19.10 -16.56
N GLU A 23 5.48 -18.19 -17.16
CA GLU A 23 6.87 -18.08 -16.89
C GLU A 23 7.10 -17.52 -15.44
N LEU A 24 6.28 -16.59 -15.04
CA LEU A 24 6.36 -16.01 -13.72
C LEU A 24 6.10 -17.13 -12.64
N GLU A 25 5.13 -17.98 -12.91
CA GLU A 25 4.85 -19.18 -12.03
C GLU A 25 6.03 -20.11 -11.89
N ARG A 26 6.64 -20.41 -13.02
CA ARG A 26 7.72 -21.30 -13.06
C ARG A 26 8.86 -20.70 -12.32
N LYS A 27 9.13 -19.40 -12.49
CA LYS A 27 10.22 -18.86 -11.76
C LYS A 27 9.99 -18.74 -10.26
N VAL A 28 8.79 -18.45 -9.83
CA VAL A 28 8.57 -18.34 -8.40
C VAL A 28 8.66 -19.77 -7.78
N TRP A 29 8.27 -20.76 -8.53
CA TRP A 29 8.54 -22.17 -8.07
C TRP A 29 9.99 -22.44 -7.93
N GLU A 30 10.81 -21.99 -8.86
CA GLU A 30 12.23 -22.21 -8.72
C GLU A 30 12.89 -21.47 -7.54
N LEU A 31 12.43 -20.23 -7.31
CA LEU A 31 12.83 -19.48 -6.14
C LEU A 31 12.46 -20.28 -4.81
N ALA A 32 11.29 -20.82 -4.77
CA ALA A 32 10.94 -21.68 -3.58
C ALA A 32 11.89 -22.79 -3.43
N ARG A 33 12.19 -23.45 -4.53
CA ARG A 33 13.22 -24.50 -4.56
C ARG A 33 14.55 -24.13 -4.03
N LEU A 34 15.05 -22.96 -4.43
CA LEU A 34 16.27 -22.45 -3.88
C LEU A 34 16.20 -22.09 -2.44
N VAL A 35 15.08 -21.52 -1.99
CA VAL A 35 14.97 -21.14 -0.60
C VAL A 35 15.03 -22.49 0.22
N TRP A 36 14.30 -23.48 -0.22
CA TRP A 36 14.30 -24.79 0.47
C TRP A 36 15.69 -25.34 0.58
N GLN A 37 16.47 -25.27 -0.50
CA GLN A 37 17.81 -25.88 -0.49
C GLN A 37 18.88 -25.13 0.17
N SER A 38 18.71 -23.83 0.52
CA SER A 38 19.81 -23.09 1.02
C SER A 38 20.00 -23.13 2.53
N SER A 39 21.23 -23.08 2.96
CA SER A 39 21.58 -22.97 4.37
C SER A 39 21.43 -21.56 4.97
N SER A 40 21.56 -20.54 4.13
CA SER A 40 21.76 -19.18 4.65
C SER A 40 21.23 -18.23 3.56
N VAL A 41 20.02 -17.72 3.80
CA VAL A 41 19.37 -16.81 2.80
C VAL A 41 19.48 -15.37 3.30
N VAL A 42 20.03 -14.46 2.46
CA VAL A 42 20.09 -13.01 2.70
C VAL A 42 19.28 -12.27 1.66
N PHE A 43 18.44 -11.38 2.16
CA PHE A 43 17.55 -10.59 1.36
C PHE A 43 18.16 -9.21 1.30
N HIS A 44 18.02 -8.58 0.13
CA HIS A 44 18.54 -7.23 -0.09
C HIS A 44 17.39 -6.37 -0.64
N THR A 45 16.96 -5.31 0.02
CA THR A 45 15.77 -4.61 -0.45
C THR A 45 16.09 -3.13 -0.82
N GLY A 46 15.37 -2.63 -1.78
CA GLY A 46 15.37 -1.19 -2.10
C GLY A 46 14.01 -0.68 -2.28
N ALA A 47 13.94 0.47 -2.95
CA ALA A 47 12.82 1.37 -2.87
C ALA A 47 11.61 0.81 -3.46
N GLY A 48 11.84 -0.14 -4.36
CA GLY A 48 10.79 -0.82 -5.03
C GLY A 48 9.84 -1.65 -4.14
N ILE A 49 10.26 -2.03 -2.92
CA ILE A 49 9.33 -2.77 -2.04
C ILE A 49 8.39 -1.89 -1.30
N SER A 50 8.51 -0.57 -1.47
CA SER A 50 7.59 0.33 -0.86
C SER A 50 6.74 1.17 -1.75
N THR A 51 6.88 1.00 -3.06
CA THR A 51 6.01 1.61 -3.98
C THR A 51 4.55 1.25 -3.80
N ALA A 52 4.22 -0.01 -3.43
CA ALA A 52 2.84 -0.46 -3.19
C ALA A 52 2.19 0.06 -1.90
N SER A 53 2.94 0.78 -1.12
CA SER A 53 2.47 1.57 0.04
C SER A 53 2.36 3.09 -0.19
N GLY A 54 2.66 3.54 -1.46
CA GLY A 54 2.53 4.95 -1.78
C GLY A 54 3.75 5.78 -1.78
N ILE A 55 4.92 5.16 -1.55
CA ILE A 55 6.17 5.80 -1.55
C ILE A 55 6.86 5.63 -2.84
N PRO A 56 7.10 6.75 -3.58
CA PRO A 56 7.78 6.47 -4.87
C PRO A 56 9.21 5.95 -4.75
N ASP A 57 9.69 5.25 -5.80
CA ASP A 57 11.09 4.87 -5.80
C ASP A 57 11.98 6.03 -6.35
N PHE A 58 13.24 5.72 -6.72
CA PHE A 58 14.22 6.70 -7.18
C PHE A 58 14.32 6.69 -8.72
N ARG A 59 14.36 5.47 -9.31
CA ARG A 59 14.80 5.28 -10.74
C ARG A 59 13.76 4.55 -11.58
N GLY A 60 12.59 4.27 -11.01
CA GLY A 60 11.45 3.78 -11.72
C GLY A 60 10.88 4.80 -12.69
N PRO A 61 9.87 4.40 -13.45
CA PRO A 61 9.33 5.34 -14.44
C PRO A 61 8.79 6.61 -13.82
N HIS A 62 8.20 6.51 -12.62
CA HIS A 62 7.85 7.68 -11.82
C HIS A 62 8.66 7.91 -10.57
N GLY A 63 9.91 7.49 -10.59
CA GLY A 63 10.74 7.63 -9.49
C GLY A 63 11.25 9.06 -9.29
N VAL A 64 11.67 9.34 -8.08
CA VAL A 64 12.24 10.67 -7.69
C VAL A 64 13.22 11.26 -8.73
N TRP A 65 14.31 10.56 -8.96
CA TRP A 65 15.29 11.04 -9.90
C TRP A 65 14.77 11.04 -11.34
N THR A 66 14.04 9.98 -11.74
CA THR A 66 13.44 9.95 -13.08
C THR A 66 12.60 11.21 -13.38
N MET A 67 11.73 11.57 -12.45
CA MET A 67 10.83 12.69 -12.65
C MET A 67 11.62 13.97 -12.65
N GLU A 68 12.57 14.13 -11.76
CA GLU A 68 13.42 15.31 -11.75
C GLU A 68 14.08 15.52 -13.15
N GLU A 69 14.64 14.46 -13.71
CA GLU A 69 15.25 14.46 -15.01
C GLU A 69 14.33 15.00 -16.09
N ARG A 70 13.05 14.69 -15.95
CA ARG A 70 12.05 15.21 -16.85
C ARG A 70 11.48 16.55 -16.39
N GLY A 71 11.97 17.18 -15.34
CA GLY A 71 11.30 18.42 -14.88
C GLY A 71 9.93 18.25 -14.17
N LEU A 72 9.66 17.04 -13.68
CA LEU A 72 8.34 16.78 -13.03
C LEU A 72 8.63 16.37 -11.62
N ALA A 73 7.57 16.17 -10.86
CA ALA A 73 7.71 16.01 -9.38
C ALA A 73 7.35 14.56 -9.01
N PRO A 74 7.98 13.98 -7.99
CA PRO A 74 7.49 12.65 -7.63
C PRO A 74 6.12 12.83 -6.97
N LYS A 75 5.37 11.76 -6.76
CA LYS A 75 4.13 11.87 -6.07
C LYS A 75 4.15 10.84 -4.91
N PHE A 76 3.81 11.30 -3.71
CA PHE A 76 3.54 10.41 -2.50
C PHE A 76 2.09 10.19 -2.34
N ASP A 77 1.63 8.96 -2.01
CA ASP A 77 0.23 8.80 -1.74
C ASP A 77 0.04 8.57 -0.23
N THR A 78 1.07 8.85 0.49
CA THR A 78 1.13 8.71 1.98
C THR A 78 2.16 9.60 2.59
N THR A 79 2.08 9.85 3.93
CA THR A 79 3.25 10.30 4.60
C THR A 79 4.12 9.14 5.05
N PHE A 80 5.32 9.45 5.48
CA PHE A 80 6.15 8.39 5.96
C PHE A 80 5.51 7.84 7.24
N GLU A 81 4.95 8.75 8.06
CA GLU A 81 4.27 8.29 9.28
C GLU A 81 3.07 7.45 9.06
N SER A 82 2.23 7.70 8.07
CA SER A 82 0.99 6.92 7.87
C SER A 82 1.21 5.68 6.96
N ALA A 83 2.42 5.53 6.46
CA ALA A 83 2.70 4.43 5.49
C ALA A 83 2.63 3.14 6.22
N ARG A 84 2.01 2.17 5.56
CA ARG A 84 1.98 0.78 6.10
C ARG A 84 2.91 -0.14 5.38
N PRO A 85 3.44 -1.15 6.09
CA PRO A 85 4.35 -2.13 5.45
C PRO A 85 3.55 -2.83 4.38
N THR A 86 4.19 -3.21 3.27
CA THR A 86 3.57 -3.94 2.24
C THR A 86 3.48 -5.41 2.68
N GLN A 87 2.79 -6.15 1.84
CA GLN A 87 2.77 -7.66 1.83
C GLN A 87 4.19 -8.19 1.81
N THR A 88 5.09 -7.54 1.06
CA THR A 88 6.49 -7.88 1.04
C THR A 88 7.18 -7.69 2.31
N HIS A 89 6.92 -6.52 2.91
CA HIS A 89 7.57 -6.26 4.15
C HIS A 89 7.16 -7.38 5.19
N MET A 90 5.90 -7.55 5.31
CA MET A 90 5.35 -8.58 6.29
C MET A 90 5.79 -10.03 5.95
N ALA A 91 6.02 -10.36 4.69
CA ALA A 91 6.55 -11.61 4.31
C ALA A 91 7.96 -11.80 4.84
N LEU A 92 8.76 -10.74 4.79
CA LEU A 92 10.08 -10.79 5.31
C LEU A 92 10.08 -11.03 6.88
N VAL A 93 9.18 -10.34 7.57
CA VAL A 93 9.01 -10.57 9.01
C VAL A 93 8.88 -12.11 9.24
N GLN A 94 7.96 -12.71 8.53
CA GLN A 94 7.64 -14.14 8.79
C GLN A 94 8.75 -15.01 8.47
N LEU A 95 9.44 -14.73 7.35
CA LEU A 95 10.57 -15.58 6.95
C LEU A 95 11.66 -15.54 7.97
N GLU A 96 11.92 -14.37 8.54
CA GLU A 96 12.92 -14.36 9.58
C GLU A 96 12.38 -15.18 10.83
N ARG A 97 11.12 -15.06 11.15
CA ARG A 97 10.60 -15.72 12.41
CA ARG A 97 10.61 -15.72 12.40
C ARG A 97 10.72 -17.22 12.33
N VAL A 98 10.51 -17.78 11.14
CA VAL A 98 10.65 -19.23 10.93
C VAL A 98 12.05 -19.73 10.54
N GLY A 99 13.02 -18.82 10.54
CA GLY A 99 14.38 -19.12 10.27
C GLY A 99 14.77 -19.33 8.82
N LEU A 100 13.94 -18.98 7.86
CA LEU A 100 14.30 -19.00 6.46
C LEU A 100 15.11 -17.78 5.92
N LEU A 101 15.23 -16.71 6.70
CA LEU A 101 16.04 -15.51 6.37
C LEU A 101 17.13 -15.39 7.41
N ARG A 102 18.39 -15.38 7.04
CA ARG A 102 19.44 -15.09 7.99
C ARG A 102 19.65 -13.62 8.31
N PHE A 103 19.54 -12.73 7.30
CA PHE A 103 19.86 -11.38 7.47
C PHE A 103 19.18 -10.53 6.34
N LEU A 104 18.90 -9.28 6.66
CA LEU A 104 18.15 -8.35 5.76
C LEU A 104 19.02 -7.11 5.59
N VAL A 105 19.36 -6.79 4.31
CA VAL A 105 20.17 -5.57 4.00
C VAL A 105 19.27 -4.67 3.16
N SER A 106 19.03 -3.45 3.64
CA SER A 106 18.18 -2.54 3.00
C SER A 106 18.90 -1.20 2.75
N GLN A 107 18.55 -0.65 1.59
CA GLN A 107 18.88 0.70 1.20
C GLN A 107 17.83 1.69 1.55
N ASN A 108 16.66 1.28 2.07
CA ASN A 108 15.62 2.16 2.25
C ASN A 108 15.78 2.97 3.55
N VAL A 109 15.41 4.24 3.44
CA VAL A 109 15.36 5.12 4.66
C VAL A 109 13.97 5.33 5.21
N ASP A 110 12.96 4.77 4.55
CA ASP A 110 11.59 4.86 4.86
C ASP A 110 11.18 4.30 6.26
N GLY A 111 12.02 3.66 7.00
CA GLY A 111 11.62 3.17 8.35
C GLY A 111 10.66 1.97 8.41
N LEU A 112 10.30 1.38 7.26
CA LEU A 112 9.22 0.45 7.28
C LEU A 112 9.62 -0.93 7.78
N HIS A 113 10.83 -1.38 7.46
CA HIS A 113 11.33 -2.66 8.02
C HIS A 113 11.27 -2.62 9.54
N VAL A 114 11.82 -1.60 10.10
CA VAL A 114 11.68 -1.39 11.59
C VAL A 114 10.25 -1.34 12.04
N ARG A 115 9.43 -0.48 11.46
CA ARG A 115 8.05 -0.37 11.87
C ARG A 115 7.17 -1.59 11.68
N SER A 116 7.58 -2.49 10.75
CA SER A 116 6.93 -3.76 10.53
C SER A 116 7.15 -4.75 11.69
N GLY A 117 8.12 -4.51 12.54
CA GLY A 117 8.47 -5.35 13.69
C GLY A 117 9.62 -6.27 13.36
N PHE A 118 10.36 -6.02 12.24
CA PHE A 118 11.46 -6.88 11.86
C PHE A 118 12.57 -6.60 12.86
N PRO A 119 13.28 -7.62 13.39
CA PRO A 119 14.35 -7.43 14.37
C PRO A 119 15.57 -6.68 13.87
N ARG A 120 15.97 -5.66 14.64
CA ARG A 120 16.99 -4.69 14.24
C ARG A 120 18.32 -5.39 14.23
N ASP A 121 18.49 -6.43 15.08
CA ASP A 121 19.78 -7.12 15.07
C ASP A 121 19.99 -8.06 13.86
N LYS A 122 19.00 -8.26 13.05
CA LYS A 122 19.20 -8.97 11.76
C LYS A 122 18.98 -8.06 10.51
N LEU A 123 19.01 -6.75 10.76
CA LEU A 123 18.79 -5.74 9.75
C LEU A 123 20.00 -4.80 9.65
N ALA A 124 20.49 -4.55 8.42
CA ALA A 124 21.43 -3.47 8.10
C ALA A 124 20.69 -2.36 7.28
N GLU A 125 20.65 -1.15 7.86
CA GLU A 125 20.02 -0.02 7.24
C GLU A 125 21.15 0.82 6.71
N LEU A 126 21.57 0.43 5.52
CA LEU A 126 22.76 1.02 4.94
C LEU A 126 22.74 2.56 4.70
N HIS A 127 21.61 3.14 4.37
CA HIS A 127 21.52 4.57 3.96
C HIS A 127 20.89 5.40 5.06
N GLY A 128 20.58 4.71 6.16
CA GLY A 128 19.95 5.29 7.39
C GLY A 128 18.44 5.03 7.48
N ASN A 129 17.78 5.74 8.40
CA ASN A 129 16.35 5.57 8.69
C ASN A 129 15.85 6.90 9.09
N MET A 130 14.78 7.34 8.47
CA MET A 130 14.34 8.70 8.73
C MET A 130 13.69 8.88 10.08
N PHE A 131 13.32 7.79 10.76
CA PHE A 131 12.82 7.80 12.13
C PHE A 131 13.90 7.66 13.21
N VAL A 132 15.15 7.50 12.88
CA VAL A 132 16.19 7.12 13.81
C VAL A 132 17.15 8.29 13.91
N GLU A 133 17.36 8.76 15.14
CA GLU A 133 18.52 9.64 15.44
C GLU A 133 19.47 8.99 16.40
N GLU A 134 20.67 9.55 16.44
CA GLU A 134 21.81 8.90 16.98
C GLU A 134 22.63 9.95 17.76
N CYS A 135 23.04 9.58 18.98
CA CYS A 135 23.84 10.45 19.88
C CYS A 135 25.29 10.44 19.39
N ALA A 136 25.76 11.62 19.02
CA ALA A 136 27.15 11.82 18.57
C ALA A 136 28.19 11.41 19.64
N LYS A 137 27.79 11.36 20.92
CA LYS A 137 28.73 11.10 22.01
C LYS A 137 28.76 9.67 22.36
N CYS A 138 27.62 9.06 22.68
CA CYS A 138 27.61 7.65 23.08
C CYS A 138 27.12 6.70 21.97
N LYS A 139 26.63 7.21 20.83
CA LYS A 139 26.18 6.37 19.70
C LYS A 139 24.83 5.69 19.88
N THR A 140 24.14 5.96 21.00
CA THR A 140 22.84 5.38 21.29
C THR A 140 21.79 5.92 20.30
N GLN A 141 20.93 5.03 19.80
CA GLN A 141 19.93 5.31 18.76
C GLN A 141 18.56 5.47 19.37
N TYR A 142 17.82 6.44 18.90
CA TYR A 142 16.44 6.59 19.26
C TYR A 142 15.59 6.36 18.01
N VAL A 143 14.73 5.34 18.08
CA VAL A 143 13.67 5.14 17.12
C VAL A 143 12.42 5.90 17.43
N ARG A 144 12.21 6.99 16.69
CA ARG A 144 11.07 7.80 16.94
C ARG A 144 9.87 7.41 16.22
N ASP A 145 8.76 7.86 16.74
CA ASP A 145 7.47 7.72 16.14
C ASP A 145 7.10 8.74 15.05
N THR A 146 7.97 9.69 14.78
CA THR A 146 7.72 10.65 13.71
C THR A 146 9.06 10.86 13.09
N VAL A 147 9.02 11.35 11.84
CA VAL A 147 10.31 11.44 11.12
C VAL A 147 11.19 12.49 11.71
N VAL A 148 12.45 12.21 11.77
CA VAL A 148 13.43 13.16 12.25
C VAL A 148 13.67 14.24 11.13
N GLY A 149 13.49 15.50 11.52
CA GLY A 149 13.39 16.58 10.58
C GLY A 149 14.62 16.93 9.76
N THR A 150 15.76 16.29 9.95
CA THR A 150 16.95 16.71 9.22
C THR A 150 17.56 15.58 8.37
N MET A 151 18.38 15.91 7.37
CA MET A 151 19.17 14.87 6.68
C MET A 151 20.61 15.32 6.54
N GLY A 152 21.52 14.37 6.40
CA GLY A 152 22.95 14.58 6.28
C GLY A 152 23.73 14.56 7.57
N LEU A 153 23.18 13.84 8.56
CA LEU A 153 23.86 13.58 9.81
C LEU A 153 24.01 14.89 10.62
N LYS A 154 23.03 15.76 10.52
CA LYS A 154 22.97 17.06 11.23
C LYS A 154 22.33 16.92 12.63
N ALA A 155 22.66 17.84 13.51
CA ALA A 155 21.98 17.96 14.81
C ALA A 155 20.49 18.18 14.59
N THR A 156 19.65 17.44 15.33
CA THR A 156 18.23 17.57 15.19
C THR A 156 17.68 18.56 16.18
N GLY A 157 18.47 18.89 17.22
CA GLY A 157 18.05 19.80 18.28
C GLY A 157 17.74 19.10 19.61
N ARG A 158 17.70 17.77 19.63
CA ARG A 158 17.38 17.06 20.89
C ARG A 158 18.66 16.53 21.47
N LEU A 159 18.61 16.22 22.76
CA LEU A 159 19.73 15.66 23.49
C LEU A 159 19.47 14.28 24.03
N CYS A 160 20.57 13.62 24.30
CA CYS A 160 20.61 12.28 24.75
C CYS A 160 20.16 12.20 26.22
N THR A 161 19.38 11.19 26.55
CA THR A 161 18.92 10.99 27.87
C THR A 161 19.44 9.71 28.48
N VAL A 162 20.53 9.14 27.96
CA VAL A 162 21.11 7.94 28.58
C VAL A 162 21.63 8.30 30.01
N ALA A 163 21.46 7.32 30.94
CA ALA A 163 21.73 7.44 32.39
C ALA A 163 23.19 7.76 32.74
N CYS A 171 23.99 11.76 29.80
CA CYS A 171 24.85 12.00 28.64
C CYS A 171 24.73 13.41 28.03
N ARG A 172 23.52 13.84 27.71
CA ARG A 172 23.27 15.12 27.01
C ARG A 172 24.08 15.37 25.70
N GLY A 173 24.52 14.31 25.03
CA GLY A 173 25.12 14.44 23.66
C GLY A 173 24.14 14.99 22.61
N GLU A 174 24.65 15.60 21.51
CA GLU A 174 23.81 16.11 20.40
C GLU A 174 23.22 14.88 19.67
N LEU A 175 21.90 14.87 19.49
CA LEU A 175 21.24 13.86 18.61
C LEU A 175 21.32 14.33 17.16
N ARG A 176 21.70 13.42 16.27
CA ARG A 176 21.78 13.68 14.86
C ARG A 176 20.99 12.66 14.02
N ASP A 177 20.55 13.07 12.81
CA ASP A 177 19.87 12.15 11.90
C ASP A 177 20.82 11.09 11.41
N THR A 178 20.27 10.04 10.78
CA THR A 178 21.11 8.98 10.31
C THR A 178 21.01 8.92 8.77
N ILE A 179 20.47 9.97 8.15
CA ILE A 179 20.32 9.99 6.69
C ILE A 179 21.62 10.45 6.06
N LEU A 180 22.30 9.51 5.40
CA LEU A 180 23.53 9.76 4.68
C LEU A 180 23.24 10.72 3.50
N ASP A 181 24.17 11.66 3.33
CA ASP A 181 24.19 12.51 2.09
C ASP A 181 25.11 11.82 1.11
N TRP A 182 25.16 12.31 -0.13
CA TRP A 182 26.08 11.75 -1.15
C TRP A 182 27.53 11.50 -0.69
N GLU A 183 28.19 12.42 -0.01
CA GLU A 183 29.64 12.21 0.36
C GLU A 183 29.83 11.34 1.61
N ASP A 184 28.73 11.07 2.35
CA ASP A 184 28.85 10.35 3.65
C ASP A 184 29.13 8.90 3.45
N SER A 185 30.09 8.35 4.16
CA SER A 185 30.35 6.91 4.04
C SER A 185 29.28 6.20 4.86
N LEU A 186 29.13 4.93 4.50
CA LEU A 186 28.09 4.08 5.05
C LEU A 186 28.42 3.78 6.52
N PRO A 187 27.41 3.51 7.35
CA PRO A 187 27.69 3.15 8.75
C PRO A 187 28.48 1.84 8.86
N ASP A 188 29.55 1.89 9.63
CA ASP A 188 30.51 0.81 9.68
C ASP A 188 29.93 -0.50 10.17
N ARG A 189 29.10 -0.44 11.19
CA ARG A 189 28.50 -1.61 11.77
C ARG A 189 27.57 -2.30 10.76
N ASP A 190 26.64 -1.53 10.24
CA ASP A 190 25.70 -2.09 9.29
C ASP A 190 26.44 -2.68 8.06
N LEU A 191 27.45 -1.97 7.54
CA LEU A 191 28.09 -2.42 6.32
C LEU A 191 28.91 -3.67 6.59
N ALA A 192 29.60 -3.68 7.72
CA ALA A 192 30.41 -4.84 8.05
C ALA A 192 29.49 -6.08 8.23
N LEU A 193 28.38 -5.95 8.98
CA LEU A 193 27.42 -7.05 9.12
C LEU A 193 26.80 -7.46 7.81
N ALA A 194 26.38 -6.50 7.00
CA ALA A 194 25.79 -6.83 5.72
C ALA A 194 26.74 -7.59 4.80
N ASP A 195 28.02 -7.23 4.84
CA ASP A 195 29.08 -7.80 4.02
C ASP A 195 29.34 -9.22 4.51
N GLU A 196 29.50 -9.38 5.83
CA GLU A 196 29.67 -10.74 6.43
C GLU A 196 28.52 -11.63 6.01
N ALA A 197 27.30 -11.21 6.29
CA ALA A 197 26.13 -11.96 5.88
C ALA A 197 26.09 -12.34 4.36
N SER A 198 26.46 -11.40 3.50
CA SER A 198 26.36 -11.60 2.10
C SER A 198 27.46 -12.58 1.71
N ARG A 199 28.67 -12.45 2.30
CA ARG A 199 29.77 -13.39 1.96
C ARG A 199 29.45 -14.83 2.35
N ASN A 200 28.85 -14.97 3.52
CA ASN A 200 28.49 -16.30 4.04
C ASN A 200 27.23 -16.87 3.48
N ALA A 201 26.45 -16.09 2.73
CA ALA A 201 25.19 -16.60 2.21
C ALA A 201 25.41 -17.61 1.09
N ASP A 202 24.52 -18.58 0.97
CA ASP A 202 24.44 -19.38 -0.26
C ASP A 202 23.32 -18.98 -1.18
N LEU A 203 22.48 -18.06 -0.74
CA LEU A 203 21.45 -17.49 -1.56
C LEU A 203 21.24 -16.02 -1.15
N SER A 204 21.38 -15.11 -2.11
CA SER A 204 21.01 -13.65 -1.94
C SER A 204 19.90 -13.45 -2.89
N ILE A 205 18.84 -12.80 -2.41
CA ILE A 205 17.64 -12.45 -3.14
C ILE A 205 17.52 -10.94 -3.09
N THR A 206 17.53 -10.26 -4.22
CA THR A 206 17.35 -8.80 -4.27
C THR A 206 15.96 -8.52 -4.63
N LEU A 207 15.30 -7.59 -3.91
CA LEU A 207 13.94 -7.22 -4.14
C LEU A 207 13.82 -5.70 -4.33
N GLY A 208 13.30 -5.29 -5.47
CA GLY A 208 13.01 -3.83 -5.67
C GLY A 208 14.18 -2.87 -5.49
N THR A 209 15.35 -3.31 -5.95
CA THR A 209 16.56 -2.52 -6.14
C THR A 209 17.14 -2.67 -7.56
N SER A 210 17.53 -1.53 -8.14
CA SER A 210 18.25 -1.49 -9.44
C SER A 210 19.72 -1.77 -9.29
N LEU A 211 20.27 -1.84 -8.05
CA LEU A 211 21.64 -2.24 -7.70
C LEU A 211 22.79 -1.32 -8.22
N GLN A 212 22.44 -0.06 -8.40
CA GLN A 212 23.37 0.91 -8.99
C GLN A 212 24.29 1.59 -8.00
N ILE A 213 23.97 1.57 -6.68
CA ILE A 213 24.78 2.29 -5.67
C ILE A 213 25.78 1.34 -5.14
N ARG A 214 27.01 1.79 -5.03
CA ARG A 214 28.00 1.00 -4.40
C ARG A 214 28.37 1.61 -3.06
N PRO A 215 28.78 0.80 -2.11
CA PRO A 215 28.90 -0.65 -2.23
C PRO A 215 27.57 -1.40 -2.06
N SER A 216 26.52 -0.74 -1.60
CA SER A 216 25.21 -1.42 -1.37
C SER A 216 24.78 -2.46 -2.42
N GLY A 217 24.70 -2.01 -3.69
CA GLY A 217 24.29 -2.80 -4.85
C GLY A 217 25.30 -3.90 -5.16
N ASN A 218 26.47 -3.86 -4.61
CA ASN A 218 27.49 -4.91 -4.88
C ASN A 218 27.46 -6.06 -3.89
N LEU A 219 26.90 -5.82 -2.72
CA LEU A 219 26.83 -6.89 -1.75
C LEU A 219 26.21 -8.23 -2.23
N PRO A 220 25.10 -8.20 -2.99
CA PRO A 220 24.59 -9.45 -3.42
C PRO A 220 25.63 -10.26 -4.25
N LEU A 221 26.60 -9.61 -4.90
CA LEU A 221 27.56 -10.36 -5.72
C LEU A 221 28.55 -11.09 -4.86
N ALA A 222 28.76 -10.61 -3.63
CA ALA A 222 29.60 -11.32 -2.68
C ALA A 222 29.13 -12.72 -2.41
N THR A 223 27.82 -12.93 -2.52
CA THR A 223 27.30 -14.28 -2.41
C THR A 223 27.80 -15.19 -3.53
N LYS A 224 27.96 -14.67 -4.74
CA LYS A 224 28.51 -15.52 -5.86
C LYS A 224 29.90 -16.20 -5.61
N ARG A 225 30.62 -15.69 -4.63
CA ARG A 225 31.92 -16.11 -4.10
C ARG A 225 32.19 -17.57 -4.01
N ARG A 226 31.41 -18.27 -3.19
CA ARG A 226 31.76 -19.64 -2.84
C ARG A 226 30.72 -20.51 -3.50
N GLY A 227 30.28 -20.03 -4.66
CA GLY A 227 29.31 -20.76 -5.40
C GLY A 227 27.93 -20.43 -4.99
N GLY A 228 27.71 -19.36 -4.22
CA GLY A 228 26.30 -18.98 -3.88
C GLY A 228 25.47 -18.66 -5.07
N ARG A 229 24.15 -18.70 -4.88
CA ARG A 229 23.25 -18.34 -5.87
C ARG A 229 22.74 -16.91 -5.66
N LEU A 230 22.36 -16.28 -6.76
CA LEU A 230 21.85 -14.90 -6.71
C LEU A 230 20.56 -14.88 -7.50
N VAL A 231 19.49 -14.36 -6.89
CA VAL A 231 18.23 -14.11 -7.49
C VAL A 231 17.91 -12.58 -7.39
N ILE A 232 17.40 -12.08 -8.49
CA ILE A 232 17.00 -10.70 -8.65
C ILE A 232 15.54 -10.57 -8.96
N VAL A 233 14.77 -9.82 -8.13
CA VAL A 233 13.35 -9.69 -8.39
C VAL A 233 13.28 -8.14 -8.59
N ASN A 234 12.82 -7.76 -9.76
CA ASN A 234 12.79 -6.30 -10.21
C ASN A 234 12.03 -6.13 -11.53
N LEU A 235 11.21 -5.07 -11.63
CA LEU A 235 10.49 -4.68 -12.84
C LEU A 235 11.42 -4.14 -13.93
N GLN A 236 12.47 -3.46 -13.56
CA GLN A 236 13.39 -2.86 -14.58
C GLN A 236 14.58 -3.80 -14.60
N PRO A 237 15.44 -3.67 -15.60
CA PRO A 237 16.81 -4.12 -15.51
C PRO A 237 17.57 -3.59 -14.34
N THR A 238 18.50 -4.36 -13.82
CA THR A 238 19.40 -3.96 -12.82
C THR A 238 20.80 -4.06 -13.25
N LYS A 239 21.71 -3.50 -12.45
CA LYS A 239 23.12 -3.37 -12.84
C LYS A 239 23.80 -4.73 -12.94
N HIS A 240 23.34 -5.74 -12.18
CA HIS A 240 23.93 -7.06 -12.13
C HIS A 240 23.15 -8.17 -12.67
N ASP A 241 22.29 -7.89 -13.60
CA ASP A 241 21.44 -8.85 -14.21
C ASP A 241 22.21 -10.00 -14.74
N ARG A 242 23.38 -9.72 -15.28
CA ARG A 242 24.12 -10.84 -15.95
C ARG A 242 24.67 -11.91 -14.99
N HIS A 243 24.83 -11.56 -13.73
CA HIS A 243 25.31 -12.44 -12.70
C HIS A 243 24.22 -13.21 -11.99
N ALA A 244 22.94 -12.96 -12.26
CA ALA A 244 21.88 -13.66 -11.57
C ALA A 244 21.65 -15.08 -12.09
N ASP A 245 21.44 -16.00 -11.16
CA ASP A 245 20.92 -17.37 -11.50
C ASP A 245 19.52 -17.33 -11.93
N LEU A 246 18.76 -16.37 -11.42
CA LEU A 246 17.35 -16.26 -11.72
C LEU A 246 16.95 -14.75 -11.62
N ARG A 247 16.14 -14.30 -12.55
CA ARG A 247 15.67 -12.89 -12.59
C ARG A 247 14.22 -12.99 -12.79
N ILE A 248 13.40 -12.38 -11.94
CA ILE A 248 12.05 -12.51 -11.99
C ILE A 248 11.53 -11.13 -12.21
N HIS A 249 10.76 -10.91 -13.27
CA HIS A 249 10.27 -9.57 -13.69
C HIS A 249 8.80 -9.54 -13.43
N GLY A 250 8.51 -8.97 -12.27
CA GLY A 250 7.13 -8.88 -11.82
C GLY A 250 6.99 -8.06 -10.57
N TYR A 251 5.77 -7.84 -10.15
CA TYR A 251 5.59 -7.03 -8.94
C TYR A 251 6.04 -7.83 -7.73
N VAL A 252 6.85 -7.22 -6.82
CA VAL A 252 7.42 -7.91 -5.70
C VAL A 252 6.34 -8.45 -4.76
N ASP A 253 5.23 -7.77 -4.64
CA ASP A 253 4.13 -8.31 -3.77
C ASP A 253 3.55 -9.60 -4.37
N GLU A 254 3.35 -9.66 -5.72
CA GLU A 254 2.84 -10.86 -6.37
C GLU A 254 3.84 -11.97 -6.22
N VAL A 255 5.15 -11.73 -6.41
CA VAL A 255 6.24 -12.71 -6.26
C VAL A 255 6.31 -13.22 -4.84
N MET A 256 6.24 -12.29 -3.89
CA MET A 256 6.38 -12.73 -2.49
C MET A 256 5.19 -13.47 -1.97
N THR A 257 4.00 -13.08 -2.37
CA THR A 257 2.78 -13.78 -1.92
C THR A 257 2.79 -15.20 -2.48
N ARG A 258 3.12 -15.34 -3.78
CA ARG A 258 3.23 -16.67 -4.34
C ARG A 258 4.27 -17.54 -3.71
N LEU A 259 5.41 -17.00 -3.38
CA LEU A 259 6.47 -17.68 -2.73
C LEU A 259 6.01 -18.21 -1.33
N MET A 260 5.36 -17.36 -0.56
CA MET A 260 4.90 -17.73 0.81
C MET A 260 3.90 -18.90 0.71
N LYS A 261 3.05 -18.84 -0.32
CA LYS A 261 2.06 -19.87 -0.58
C LYS A 261 2.74 -21.17 -0.87
N HIS A 262 3.81 -21.15 -1.63
CA HIS A 262 4.63 -22.40 -1.93
C HIS A 262 5.34 -22.88 -0.70
N LEU A 263 5.81 -21.95 0.11
CA LEU A 263 6.46 -22.31 1.35
C LEU A 263 5.46 -22.78 2.42
N GLY A 264 4.16 -22.60 2.22
CA GLY A 264 3.19 -22.91 3.26
C GLY A 264 3.23 -21.99 4.46
N LEU A 265 3.56 -20.72 4.23
CA LEU A 265 3.63 -19.72 5.27
C LEU A 265 2.55 -18.63 5.10
N GLU A 266 1.93 -18.22 6.22
CA GLU A 266 1.00 -17.15 6.16
C GLU A 266 1.78 -15.85 6.23
N ILE A 267 1.21 -14.80 5.66
CA ILE A 267 1.81 -13.46 5.84
C ILE A 267 1.14 -12.84 7.07
N PRO A 268 1.91 -12.47 8.03
CA PRO A 268 1.31 -12.02 9.28
C PRO A 268 0.79 -10.60 9.31
N ALA A 269 -0.10 -10.41 10.28
CA ALA A 269 -0.87 -9.22 10.49
C ALA A 269 0.10 -8.18 11.00
N TRP A 270 -0.03 -6.95 10.57
CA TRP A 270 0.80 -5.89 11.14
C TRP A 270 0.04 -5.33 12.36
N ASP A 271 0.69 -5.25 13.50
CA ASP A 271 0.01 -4.63 14.71
C ASP A 271 -0.01 -3.07 14.75
N GLY A 272 0.63 -2.46 13.77
CA GLY A 272 0.84 -1.04 13.77
C GLY A 272 2.29 -0.86 14.08
N PRO A 273 2.78 0.38 14.13
CA PRO A 273 4.23 0.58 14.34
C PRO A 273 4.85 0.05 15.61
N ARG A 274 5.94 -0.71 15.56
CA ARG A 274 6.49 -1.43 16.72
C ARG A 274 7.95 -1.49 16.50
N VAL A 275 8.76 -1.59 17.53
CA VAL A 275 10.19 -1.68 17.31
C VAL A 275 10.58 -2.91 18.01
N LEU A 276 11.25 -3.80 17.32
CA LEU A 276 11.84 -4.98 17.90
C LEU A 276 13.31 -4.95 17.82
N GLU A 277 14.01 -4.76 18.95
CA GLU A 277 15.49 -4.73 18.89
C GLU A 277 16.18 -6.02 18.57
N ARG A 278 15.71 -7.10 19.22
CA ARG A 278 16.38 -8.41 19.14
C ARG A 278 15.45 -9.52 18.67
N ALA A 279 15.95 -10.35 17.75
CA ALA A 279 15.18 -11.36 17.09
C ALA A 279 14.59 -12.39 18.18
N LEU A 280 13.32 -12.77 18.05
CA LEU A 280 12.70 -13.75 19.05
C LEU A 280 13.15 -15.13 18.72
N PRO A 281 12.80 -16.13 19.57
CA PRO A 281 13.19 -17.49 19.18
C PRO A 281 12.42 -17.93 17.93
N PRO A 282 13.06 -18.71 17.12
CA PRO A 282 12.43 -19.14 15.84
C PRO A 282 11.20 -20.01 15.99
N LEU A 283 10.25 -19.82 15.09
CA LEU A 283 8.99 -20.46 15.18
C LEU A 283 9.09 -21.75 14.35
N PRO A 284 8.16 -22.70 14.63
CA PRO A 284 8.07 -23.96 13.83
C PRO A 284 7.79 -23.59 12.38
N ARG A 285 8.33 -24.36 11.45
CA ARG A 285 8.00 -24.11 10.08
C ARG A 285 7.62 -25.39 9.35
N PRO A 286 6.98 -25.28 8.16
CA PRO A 286 6.62 -26.51 7.43
C PRO A 286 7.83 -27.37 7.15
N PRO A 287 7.62 -28.68 7.14
CA PRO A 287 8.73 -29.51 6.64
C PRO A 287 8.97 -29.26 5.19
N THR A 288 10.14 -29.61 4.79
CA THR A 288 10.65 -29.35 3.42
C THR A 288 10.27 -30.40 2.37
N PRO A 289 9.87 -29.97 1.14
CA PRO A 289 9.66 -30.98 0.11
C PRO A 289 10.88 -31.74 -0.25
N LYS A 290 10.67 -32.92 -0.81
CA LYS A 290 11.72 -33.64 -1.45
C LYS A 290 12.07 -32.94 -2.79
N LEU A 291 13.31 -32.57 -2.97
CA LEU A 291 13.73 -31.93 -4.22
C LEU A 291 14.56 -32.97 -4.98
N GLU A 292 13.96 -33.62 -5.98
CA GLU A 292 14.68 -34.67 -6.77
C GLU A 292 15.65 -34.01 -7.77
N LYS B 9 -14.25 14.43 -19.37
CA LYS B 9 -13.17 14.06 -18.39
C LYS B 9 -13.12 14.91 -17.14
N GLY B 10 -13.41 16.21 -17.27
CA GLY B 10 -13.41 17.12 -16.13
C GLY B 10 -12.05 17.63 -15.76
N LYS B 11 -12.02 18.60 -14.83
CA LYS B 11 -10.78 19.26 -14.40
C LYS B 11 -9.79 18.24 -13.77
N CYS B 12 -8.62 18.06 -14.42
CA CYS B 12 -7.57 17.12 -14.01
C CYS B 12 -6.37 17.88 -13.51
N GLY B 13 -5.62 17.28 -12.59
CA GLY B 13 -4.31 17.77 -12.21
C GLY B 13 -4.30 19.10 -11.45
N LEU B 14 -5.41 19.44 -10.78
CA LEU B 14 -5.46 20.62 -9.92
C LEU B 14 -4.45 20.49 -8.78
N PRO B 15 -3.91 21.62 -8.26
CA PRO B 15 -3.04 21.52 -7.12
C PRO B 15 -3.67 20.85 -5.86
N GLU B 16 -2.82 20.07 -5.19
CA GLU B 16 -3.14 19.56 -3.85
C GLU B 16 -3.03 20.57 -2.77
N ILE B 17 -3.85 20.40 -1.76
CA ILE B 17 -3.94 21.29 -0.62
C ILE B 17 -3.68 20.37 0.57
N PHE B 18 -2.84 20.82 1.47
CA PHE B 18 -2.62 20.14 2.71
C PHE B 18 -2.95 21.01 3.90
N ASP B 19 -3.94 20.61 4.69
CA ASP B 19 -4.13 21.32 5.96
C ASP B 19 -2.87 21.19 6.84
N PRO B 20 -2.41 22.28 7.49
CA PRO B 20 -1.34 22.14 8.49
C PRO B 20 -1.80 21.32 9.72
N PRO B 21 -0.85 20.72 10.48
CA PRO B 21 -1.19 19.62 11.43
C PRO B 21 -2.15 19.94 12.56
N GLU B 22 -2.01 21.11 13.16
CA GLU B 22 -2.97 21.55 14.15
C GLU B 22 -4.36 21.59 13.61
N GLU B 23 -4.51 22.13 12.40
CA GLU B 23 -5.83 22.28 11.77
C GLU B 23 -6.42 20.93 11.33
N LEU B 24 -5.51 20.09 10.87
CA LEU B 24 -5.85 18.74 10.52
C LEU B 24 -6.43 18.04 11.76
N GLU B 25 -5.69 18.06 12.84
CA GLU B 25 -6.17 17.45 14.08
C GLU B 25 -7.54 17.99 14.51
N ARG B 26 -7.71 19.30 14.46
CA ARG B 26 -8.95 19.89 14.92
C ARG B 26 -10.10 19.42 14.05
N LYS B 27 -9.91 19.34 12.73
CA LYS B 27 -11.01 18.94 11.83
C LYS B 27 -11.36 17.42 12.02
N VAL B 28 -10.36 16.59 12.26
CA VAL B 28 -10.63 15.13 12.47
C VAL B 28 -11.34 15.01 13.81
N TRP B 29 -11.04 15.90 14.76
CA TRP B 29 -11.86 15.95 15.98
C TRP B 29 -13.30 16.29 15.67
N GLU B 30 -13.52 17.27 14.84
CA GLU B 30 -14.86 17.65 14.53
C GLU B 30 -15.60 16.57 13.75
N LEU B 31 -14.89 15.87 12.88
CA LEU B 31 -15.49 14.70 12.19
C LEU B 31 -15.91 13.60 13.21
N ALA B 32 -15.05 13.32 14.15
CA ALA B 32 -15.43 12.41 15.25
C ALA B 32 -16.69 12.88 15.95
N ARG B 33 -16.83 14.19 16.20
CA ARG B 33 -18.08 14.68 16.82
C ARG B 33 -19.28 14.44 15.95
N LEU B 34 -19.13 14.74 14.67
CA LEU B 34 -20.18 14.45 13.74
C LEU B 34 -20.61 13.00 13.68
N VAL B 35 -19.63 12.10 13.66
CA VAL B 35 -19.93 10.70 13.54
C VAL B 35 -20.66 10.30 14.83
N TRP B 36 -20.16 10.73 15.99
CA TRP B 36 -20.83 10.39 17.28
C TRP B 36 -22.28 10.85 17.35
N GLN B 37 -22.56 12.05 16.86
CA GLN B 37 -23.89 12.62 16.90
C GLN B 37 -24.84 12.13 15.83
N SER B 38 -24.37 11.51 14.74
CA SER B 38 -25.25 11.16 13.64
C SER B 38 -25.99 9.87 13.83
N SER B 39 -27.21 9.81 13.38
CA SER B 39 -27.98 8.54 13.34
C SER B 39 -27.75 7.70 12.11
N SER B 40 -27.28 8.27 11.01
CA SER B 40 -27.18 7.46 9.82
C SER B 40 -26.04 8.04 8.98
N VAL B 41 -24.91 7.35 8.98
CA VAL B 41 -23.72 7.81 8.27
C VAL B 41 -23.54 7.00 6.96
N VAL B 42 -23.29 7.72 5.88
CA VAL B 42 -23.03 7.16 4.59
C VAL B 42 -21.70 7.69 4.10
N PHE B 43 -20.85 6.74 3.70
CA PHE B 43 -19.56 7.00 3.16
C PHE B 43 -19.63 6.85 1.65
N HIS B 44 -18.97 7.75 0.96
CA HIS B 44 -18.89 7.74 -0.51
C HIS B 44 -17.42 7.68 -0.85
N THR B 45 -17.00 6.64 -1.55
CA THR B 45 -15.56 6.58 -1.88
C THR B 45 -15.24 6.63 -3.38
N GLY B 46 -14.06 7.11 -3.67
CA GLY B 46 -13.51 7.12 -5.01
C GLY B 46 -12.09 6.67 -5.03
N ALA B 47 -11.41 6.98 -6.15
CA ALA B 47 -10.16 6.38 -6.47
C ALA B 47 -9.02 6.75 -5.56
N GLY B 48 -9.23 7.87 -4.88
CA GLY B 48 -8.32 8.41 -3.90
C GLY B 48 -7.99 7.41 -2.76
N ILE B 49 -8.94 6.55 -2.41
CA ILE B 49 -8.74 5.63 -1.26
C ILE B 49 -7.94 4.39 -1.64
N SER B 50 -7.58 4.23 -2.93
CA SER B 50 -6.71 3.10 -3.39
C SER B 50 -5.31 3.49 -3.84
N THR B 51 -5.02 4.79 -3.88
CA THR B 51 -3.68 5.20 -4.27
C THR B 51 -2.58 4.77 -3.37
N ALA B 52 -2.82 4.71 -2.03
CA ALA B 52 -1.87 4.15 -1.08
C ALA B 52 -1.66 2.59 -1.19
N SER B 53 -2.41 1.86 -1.99
CA SER B 53 -2.08 0.50 -2.29
C SER B 53 -1.53 0.25 -3.74
N GLY B 54 -1.18 1.38 -4.36
CA GLY B 54 -0.43 1.39 -5.62
C GLY B 54 -1.30 1.50 -6.87
N ILE B 55 -2.58 1.76 -6.74
CA ILE B 55 -3.56 1.92 -7.84
C ILE B 55 -3.71 3.44 -8.09
N PRO B 56 -3.37 3.91 -9.29
CA PRO B 56 -3.48 5.33 -9.51
C PRO B 56 -4.92 5.81 -9.50
N ASP B 57 -5.11 7.11 -9.27
CA ASP B 57 -6.43 7.64 -9.38
C ASP B 57 -6.65 8.13 -10.85
N PHE B 58 -7.73 8.86 -11.07
CA PHE B 58 -8.00 9.40 -12.44
C PHE B 58 -7.49 10.88 -12.72
N ARG B 59 -7.67 11.75 -11.72
CA ARG B 59 -7.60 13.21 -11.84
C ARG B 59 -6.59 13.83 -10.89
N GLY B 60 -5.91 13.00 -10.09
CA GLY B 60 -4.80 13.49 -9.33
C GLY B 60 -3.59 13.91 -10.20
N PRO B 61 -2.57 14.54 -9.60
CA PRO B 61 -1.30 14.88 -10.26
C PRO B 61 -0.84 13.78 -11.20
N HIS B 62 -0.83 12.52 -10.74
CA HIS B 62 -0.37 11.42 -11.63
C HIS B 62 -1.48 10.47 -12.04
N GLY B 63 -2.69 11.01 -12.03
CA GLY B 63 -3.87 10.18 -12.36
C GLY B 63 -3.89 9.75 -13.77
N VAL B 64 -4.66 8.72 -14.04
CA VAL B 64 -4.88 8.10 -15.35
C VAL B 64 -5.08 9.15 -16.46
N TRP B 65 -6.04 10.05 -16.24
CA TRP B 65 -6.43 11.03 -17.28
C TRP B 65 -5.42 12.17 -17.29
N THR B 66 -5.14 12.73 -16.10
CA THR B 66 -4.07 13.72 -15.89
C THR B 66 -2.73 13.35 -16.55
N MET B 67 -2.40 12.07 -16.61
CA MET B 67 -1.15 11.68 -17.31
C MET B 67 -1.40 11.64 -18.80
N GLU B 68 -2.56 11.16 -19.23
CA GLU B 68 -2.92 11.20 -20.68
C GLU B 68 -2.88 12.65 -21.27
N GLU B 69 -3.58 13.58 -20.62
CA GLU B 69 -3.47 15.04 -20.87
C GLU B 69 -2.03 15.56 -21.06
N ARG B 70 -1.10 15.04 -20.25
CA ARG B 70 0.30 15.39 -20.38
C ARG B 70 1.03 14.40 -21.31
N GLY B 71 0.30 13.52 -22.01
CA GLY B 71 0.94 12.52 -22.86
C GLY B 71 1.84 11.49 -22.15
N LEU B 72 1.37 10.91 -21.05
CA LEU B 72 2.20 9.97 -20.28
C LEU B 72 1.32 8.84 -19.76
N ALA B 73 1.92 7.85 -19.10
CA ALA B 73 1.13 6.67 -18.65
C ALA B 73 0.91 6.78 -17.16
N PRO B 74 -0.21 6.23 -16.70
CA PRO B 74 -0.36 6.03 -15.29
C PRO B 74 0.43 4.79 -14.91
N LYS B 75 0.80 4.77 -13.64
CA LYS B 75 1.69 3.81 -13.17
C LYS B 75 0.89 3.07 -12.03
N PHE B 76 1.03 1.79 -12.10
CA PHE B 76 0.53 0.83 -11.13
C PHE B 76 1.72 0.37 -10.40
N ASP B 77 1.63 0.27 -9.07
CA ASP B 77 2.69 -0.38 -8.33
C ASP B 77 2.20 -1.80 -7.90
N THR B 78 1.06 -2.25 -8.39
CA THR B 78 0.61 -3.60 -8.13
C THR B 78 -0.31 -4.03 -9.25
N THR B 79 -0.66 -5.30 -9.28
CA THR B 79 -1.83 -5.70 -10.07
C THR B 79 -3.12 -5.60 -9.23
N PHE B 80 -4.24 -5.69 -9.92
CA PHE B 80 -5.51 -5.67 -9.23
C PHE B 80 -5.65 -6.85 -8.29
N GLU B 81 -5.17 -7.98 -8.76
CA GLU B 81 -5.18 -9.22 -7.97
C GLU B 81 -4.33 -9.23 -6.78
N SER B 82 -3.15 -8.58 -6.82
CA SER B 82 -2.26 -8.56 -5.73
C SER B 82 -2.41 -7.30 -4.83
N ALA B 83 -3.30 -6.36 -5.17
CA ALA B 83 -3.47 -5.20 -4.37
C ALA B 83 -4.08 -5.61 -3.01
N ARG B 84 -3.77 -4.85 -1.98
CA ARG B 84 -4.37 -5.11 -0.69
C ARG B 84 -5.23 -3.91 -0.29
N PRO B 85 -6.29 -4.19 0.45
CA PRO B 85 -6.99 -3.03 1.00
C PRO B 85 -6.14 -2.14 1.89
N THR B 86 -6.45 -0.85 1.73
CA THR B 86 -5.79 0.18 2.50
C THR B 86 -6.24 0.17 3.95
N GLN B 87 -5.52 0.95 4.74
CA GLN B 87 -6.00 1.31 6.15
C GLN B 87 -7.42 1.90 6.10
N THR B 88 -7.68 2.85 5.18
CA THR B 88 -9.05 3.37 4.97
C THR B 88 -10.10 2.26 4.65
N HIS B 89 -9.78 1.36 3.73
CA HIS B 89 -10.67 0.24 3.39
C HIS B 89 -11.00 -0.57 4.67
N MET B 90 -9.98 -0.84 5.43
CA MET B 90 -10.21 -1.68 6.61
C MET B 90 -10.92 -0.91 7.71
N ALA B 91 -10.70 0.39 7.79
CA ALA B 91 -11.48 1.19 8.79
C ALA B 91 -12.91 1.15 8.50
N LEU B 92 -13.27 1.16 7.22
CA LEU B 92 -14.68 1.22 6.84
C LEU B 92 -15.29 -0.16 7.16
N VAL B 93 -14.54 -1.27 7.00
CA VAL B 93 -15.04 -2.60 7.45
C VAL B 93 -15.45 -2.56 8.95
N GLN B 94 -14.59 -1.97 9.76
CA GLN B 94 -14.79 -1.92 11.21
C GLN B 94 -15.92 -0.99 11.59
N LEU B 95 -16.03 0.14 10.92
CA LEU B 95 -17.13 1.07 11.18
C LEU B 95 -18.45 0.46 10.89
N GLU B 96 -18.54 -0.31 9.80
CA GLU B 96 -19.76 -1.05 9.52
C GLU B 96 -20.03 -2.15 10.59
N ARG B 97 -19.04 -2.88 11.03
CA ARG B 97 -19.45 -3.95 11.97
CA ARG B 97 -19.22 -3.97 12.02
C ARG B 97 -19.78 -3.46 13.35
N VAL B 98 -19.39 -2.23 13.73
CA VAL B 98 -19.83 -1.68 14.99
C VAL B 98 -21.09 -0.80 14.83
N GLY B 99 -21.69 -0.75 13.66
CA GLY B 99 -22.91 0.01 13.50
C GLY B 99 -22.77 1.54 13.35
N LEU B 100 -21.56 2.05 13.08
CA LEU B 100 -21.32 3.49 12.81
C LEU B 100 -21.30 3.93 11.35
N LEU B 101 -21.49 2.99 10.45
CA LEU B 101 -21.61 3.17 9.04
C LEU B 101 -22.90 2.45 8.63
N ARG B 102 -23.86 3.17 8.08
CA ARG B 102 -25.09 2.59 7.53
C ARG B 102 -24.95 2.03 6.11
N PHE B 103 -24.18 2.70 5.23
CA PHE B 103 -24.12 2.27 3.86
C PHE B 103 -22.88 2.90 3.23
N LEU B 104 -22.36 2.21 2.23
CA LEU B 104 -21.15 2.59 1.55
C LEU B 104 -21.43 2.70 0.05
N VAL B 105 -21.19 3.90 -0.52
CA VAL B 105 -21.30 4.13 -1.99
C VAL B 105 -19.92 4.33 -2.64
N SER B 106 -19.56 3.45 -3.54
CA SER B 106 -18.28 3.57 -4.19
C SER B 106 -18.35 3.70 -5.69
N GLN B 107 -17.48 4.55 -6.22
CA GLN B 107 -17.34 4.67 -7.63
C GLN B 107 -16.25 3.76 -8.16
N ASN B 108 -15.58 3.03 -7.27
CA ASN B 108 -14.33 2.29 -7.63
C ASN B 108 -14.66 0.95 -8.23
N VAL B 109 -13.93 0.58 -9.29
CA VAL B 109 -14.05 -0.69 -9.88
C VAL B 109 -12.99 -1.70 -9.48
N ASP B 110 -12.06 -1.28 -8.61
CA ASP B 110 -10.87 -2.03 -8.18
C ASP B 110 -11.12 -3.34 -7.37
N GLY B 111 -12.35 -3.63 -7.01
CA GLY B 111 -12.71 -4.81 -6.28
C GLY B 111 -12.33 -4.81 -4.79
N LEU B 112 -11.72 -3.77 -4.28
CA LEU B 112 -11.15 -3.82 -2.92
C LEU B 112 -12.14 -3.81 -1.80
N HIS B 113 -13.22 -3.05 -1.91
CA HIS B 113 -14.22 -3.06 -0.82
C HIS B 113 -14.76 -4.48 -0.59
N VAL B 114 -15.19 -5.15 -1.68
CA VAL B 114 -15.63 -6.54 -1.61
C VAL B 114 -14.51 -7.42 -1.06
N ARG B 115 -13.30 -7.31 -1.59
CA ARG B 115 -12.23 -8.17 -1.16
C ARG B 115 -11.72 -7.94 0.26
N SER B 116 -11.97 -6.75 0.82
CA SER B 116 -11.75 -6.42 2.23
C SER B 116 -12.69 -7.17 3.23
N GLY B 117 -13.77 -7.81 2.74
CA GLY B 117 -14.82 -8.52 3.50
C GLY B 117 -15.95 -7.55 3.93
N PHE B 118 -16.03 -6.37 3.29
CA PHE B 118 -17.12 -5.47 3.48
C PHE B 118 -18.39 -6.17 2.94
N PRO B 119 -19.52 -6.18 3.73
CA PRO B 119 -20.77 -6.85 3.30
C PRO B 119 -21.46 -6.20 2.08
N ARG B 120 -21.64 -7.04 1.05
CA ARG B 120 -22.21 -6.66 -0.22
C ARG B 120 -23.58 -5.97 -0.12
N ASP B 121 -24.38 -6.36 0.84
CA ASP B 121 -25.71 -5.72 1.02
C ASP B 121 -25.70 -4.34 1.64
N LYS B 122 -24.52 -3.84 2.07
CA LYS B 122 -24.35 -2.46 2.46
C LYS B 122 -23.45 -1.60 1.54
N LEU B 123 -23.17 -2.14 0.35
CA LEU B 123 -22.30 -1.52 -0.64
C LEU B 123 -23.08 -1.28 -1.96
N ALA B 124 -22.95 -0.09 -2.54
CA ALA B 124 -23.31 0.11 -3.94
C ALA B 124 -22.04 0.37 -4.77
N GLU B 125 -21.85 -0.43 -5.82
CA GLU B 125 -20.65 -0.37 -6.67
C GLU B 125 -21.17 0.25 -7.98
N LEU B 126 -21.22 1.57 -7.94
CA LEU B 126 -21.92 2.33 -8.99
C LEU B 126 -21.36 2.20 -10.37
N HIS B 127 -20.04 1.95 -10.48
CA HIS B 127 -19.36 1.92 -11.78
C HIS B 127 -18.93 0.52 -12.16
N GLY B 128 -19.24 -0.44 -11.29
CA GLY B 128 -18.90 -1.84 -11.53
C GLY B 128 -17.74 -2.35 -10.65
N ASN B 129 -17.26 -3.54 -10.94
CA ASN B 129 -16.27 -4.22 -10.12
C ASN B 129 -15.58 -5.12 -11.09
N MET B 130 -14.28 -4.97 -11.22
CA MET B 130 -13.59 -5.73 -12.27
C MET B 130 -13.50 -7.23 -12.03
N PHE B 131 -13.81 -7.68 -10.80
CA PHE B 131 -13.89 -9.11 -10.44
C PHE B 131 -15.24 -9.78 -10.61
N VAL B 132 -16.27 -9.00 -10.90
CA VAL B 132 -17.64 -9.45 -10.86
C VAL B 132 -18.20 -9.55 -12.29
N GLU B 133 -18.68 -10.74 -12.62
CA GLU B 133 -19.42 -10.92 -13.88
C GLU B 133 -20.82 -11.34 -13.52
N GLU B 134 -21.72 -11.05 -14.44
CA GLU B 134 -23.16 -11.14 -14.22
C GLU B 134 -23.84 -11.78 -15.41
N CYS B 135 -24.62 -12.82 -15.16
CA CYS B 135 -25.45 -13.49 -16.17
C CYS B 135 -26.53 -12.58 -16.80
N ALA B 136 -26.39 -12.37 -18.09
CA ALA B 136 -27.41 -11.67 -18.89
C ALA B 136 -28.80 -12.30 -18.72
N LYS B 137 -28.93 -13.62 -18.63
CA LYS B 137 -30.27 -14.20 -18.42
C LYS B 137 -30.85 -14.03 -17.00
N CYS B 138 -30.20 -14.54 -15.97
CA CYS B 138 -30.83 -14.61 -14.64
C CYS B 138 -30.31 -13.59 -13.63
N LYS B 139 -29.31 -12.79 -14.04
CA LYS B 139 -28.70 -11.73 -13.23
C LYS B 139 -27.90 -12.15 -11.99
N THR B 140 -27.67 -13.46 -11.83
CA THR B 140 -26.73 -13.91 -10.84
C THR B 140 -25.37 -13.30 -11.09
N GLN B 141 -24.74 -12.83 -9.98
CA GLN B 141 -23.39 -12.29 -9.96
C GLN B 141 -22.39 -13.31 -9.45
N TYR B 142 -21.24 -13.33 -10.08
CA TYR B 142 -20.20 -14.27 -9.76
C TYR B 142 -19.06 -13.38 -9.32
N VAL B 143 -18.61 -13.58 -8.12
CA VAL B 143 -17.46 -12.77 -7.69
C VAL B 143 -16.21 -13.62 -7.84
N ARG B 144 -15.34 -13.29 -8.82
CA ARG B 144 -14.18 -14.09 -9.08
C ARG B 144 -12.96 -13.65 -8.32
N ASP B 145 -12.02 -14.59 -8.29
CA ASP B 145 -10.67 -14.41 -7.79
C ASP B 145 -9.67 -13.72 -8.72
N THR B 146 -10.00 -13.55 -10.00
CA THR B 146 -9.14 -12.79 -10.91
C THR B 146 -10.04 -11.83 -11.64
N VAL B 147 -9.43 -10.84 -12.27
CA VAL B 147 -10.24 -9.80 -12.89
C VAL B 147 -10.87 -10.44 -14.13
N VAL B 148 -12.11 -10.10 -14.36
CA VAL B 148 -12.87 -10.49 -15.52
C VAL B 148 -12.27 -9.67 -16.70
N GLY B 149 -12.00 -10.40 -17.74
CA GLY B 149 -11.11 -9.87 -18.76
C GLY B 149 -11.66 -8.84 -19.72
N THR B 150 -12.86 -8.36 -19.54
CA THR B 150 -13.50 -7.47 -20.47
C THR B 150 -14.05 -6.24 -19.76
N MET B 151 -14.36 -5.23 -20.55
CA MET B 151 -14.83 -3.91 -20.12
C MET B 151 -16.10 -3.68 -20.91
N GLY B 152 -16.96 -2.84 -20.39
CA GLY B 152 -18.07 -2.31 -21.17
C GLY B 152 -19.24 -3.23 -21.37
N LEU B 153 -19.44 -4.17 -20.42
CA LEU B 153 -20.62 -4.98 -20.31
C LEU B 153 -20.66 -6.04 -21.41
N LYS B 154 -19.50 -6.57 -21.79
CA LYS B 154 -19.44 -7.54 -22.90
C LYS B 154 -19.41 -8.99 -22.40
N ALA B 155 -19.60 -9.94 -23.31
CA ALA B 155 -19.57 -11.35 -22.97
C ALA B 155 -18.14 -11.75 -22.65
N THR B 156 -18.01 -12.45 -21.52
CA THR B 156 -16.68 -12.83 -21.01
C THR B 156 -16.31 -14.13 -21.64
N GLY B 157 -17.31 -14.85 -22.16
CA GLY B 157 -17.11 -16.12 -22.79
C GLY B 157 -17.53 -17.23 -21.86
N ARG B 158 -18.02 -16.93 -20.65
CA ARG B 158 -18.34 -17.99 -19.67
C ARG B 158 -19.83 -18.09 -19.51
N LEU B 159 -20.27 -19.22 -18.97
CA LEU B 159 -21.69 -19.46 -18.81
C LEU B 159 -22.13 -19.64 -17.37
N CYS B 160 -23.36 -19.24 -17.10
CA CYS B 160 -24.00 -19.37 -15.79
C CYS B 160 -24.21 -20.82 -15.37
N THR B 161 -23.85 -21.17 -14.14
CA THR B 161 -24.05 -22.52 -13.62
C THR B 161 -25.21 -22.68 -12.58
N VAL B 162 -26.13 -21.71 -12.46
CA VAL B 162 -27.31 -21.84 -11.58
C VAL B 162 -28.26 -22.90 -12.17
N ALA B 163 -28.78 -23.79 -11.31
CA ALA B 163 -29.64 -24.95 -11.72
C ALA B 163 -30.78 -24.63 -12.72
N CYS B 171 -29.26 -23.09 -16.46
CA CYS B 171 -29.57 -21.75 -16.96
C CYS B 171 -28.76 -21.44 -18.20
N ARG B 172 -27.46 -21.59 -18.02
CA ARG B 172 -26.49 -21.45 -19.08
C ARG B 172 -26.43 -20.10 -19.81
N GLY B 173 -26.99 -19.00 -19.30
CA GLY B 173 -26.84 -17.70 -20.00
C GLY B 173 -25.38 -17.22 -20.12
N GLU B 174 -25.10 -16.28 -21.04
CA GLU B 174 -23.77 -15.68 -21.17
C GLU B 174 -23.45 -14.78 -19.93
N LEU B 175 -22.30 -14.98 -19.28
CA LEU B 175 -21.81 -14.01 -18.32
C LEU B 175 -21.19 -12.81 -19.02
N ARG B 176 -21.33 -11.66 -18.37
CA ARG B 176 -20.84 -10.39 -18.85
C ARG B 176 -20.11 -9.60 -17.73
N ASP B 177 -19.10 -8.79 -18.08
CA ASP B 177 -18.49 -7.90 -17.07
C ASP B 177 -19.54 -6.86 -16.60
N THR B 178 -19.23 -6.15 -15.50
CA THR B 178 -20.09 -5.09 -14.95
C THR B 178 -19.39 -3.74 -15.01
N ILE B 179 -18.33 -3.64 -15.82
CA ILE B 179 -17.67 -2.36 -15.97
C ILE B 179 -18.36 -1.52 -17.03
N LEU B 180 -19.04 -0.47 -16.56
CA LEU B 180 -19.69 0.54 -17.40
C LEU B 180 -18.67 1.24 -18.28
N ASP B 181 -19.03 1.47 -19.55
CA ASP B 181 -18.28 2.40 -20.41
C ASP B 181 -18.92 3.78 -20.25
N TRP B 182 -18.35 4.82 -20.88
CA TRP B 182 -19.03 6.14 -20.98
C TRP B 182 -20.41 5.95 -21.61
N GLU B 183 -21.40 6.66 -21.10
CA GLU B 183 -22.77 6.58 -21.66
C GLU B 183 -23.39 5.18 -21.58
N ASP B 184 -22.89 4.31 -20.67
CA ASP B 184 -23.68 3.19 -20.10
C ASP B 184 -24.39 3.79 -18.89
N SER B 185 -25.64 3.40 -18.67
CA SER B 185 -26.35 3.86 -17.47
C SER B 185 -25.89 3.04 -16.24
N LEU B 186 -25.97 3.66 -15.05
CA LEU B 186 -25.57 3.01 -13.79
C LEU B 186 -26.53 1.88 -13.47
N PRO B 187 -26.09 0.82 -12.73
CA PRO B 187 -27.03 -0.25 -12.47
C PRO B 187 -28.10 0.27 -11.54
N ASP B 188 -29.34 -0.04 -11.86
CA ASP B 188 -30.51 0.57 -11.20
C ASP B 188 -30.63 0.19 -9.76
N ARG B 189 -30.25 -1.04 -9.42
CA ARG B 189 -30.34 -1.53 -8.04
C ARG B 189 -29.35 -0.76 -7.14
N ASP B 190 -28.07 -0.83 -7.49
CA ASP B 190 -27.02 -0.10 -6.74
C ASP B 190 -27.33 1.38 -6.61
N LEU B 191 -27.83 2.00 -7.69
CA LEU B 191 -28.04 3.48 -7.70
C LEU B 191 -29.24 3.84 -6.88
N ALA B 192 -30.28 3.03 -6.98
CA ALA B 192 -31.48 3.28 -6.18
C ALA B 192 -31.16 3.15 -4.71
N LEU B 193 -30.41 2.12 -4.31
CA LEU B 193 -30.06 1.95 -2.88
C LEU B 193 -29.10 3.02 -2.37
N ALA B 194 -28.17 3.40 -3.22
CA ALA B 194 -27.25 4.50 -2.95
C ALA B 194 -27.97 5.80 -2.69
N ASP B 195 -28.94 6.09 -3.57
CA ASP B 195 -29.71 7.33 -3.47
C ASP B 195 -30.57 7.32 -2.21
N GLU B 196 -31.21 6.19 -1.95
CA GLU B 196 -32.02 6.08 -0.72
C GLU B 196 -31.22 6.28 0.56
N ALA B 197 -30.05 5.62 0.63
CA ALA B 197 -29.12 5.83 1.74
C ALA B 197 -28.69 7.30 1.87
N SER B 198 -28.41 7.92 0.74
CA SER B 198 -27.96 9.34 0.75
C SER B 198 -29.05 10.28 1.23
N ARG B 199 -30.29 10.00 0.86
CA ARG B 199 -31.42 10.92 1.17
C ARG B 199 -31.77 10.85 2.66
N ASN B 200 -31.65 9.64 3.19
CA ASN B 200 -31.91 9.38 4.56
C ASN B 200 -30.77 9.67 5.45
N ALA B 201 -29.53 9.79 4.95
CA ALA B 201 -28.43 10.04 5.85
C ALA B 201 -28.52 11.38 6.51
N ASP B 202 -28.02 11.52 7.73
CA ASP B 202 -27.74 12.84 8.31
C ASP B 202 -26.29 13.25 8.31
N LEU B 203 -25.40 12.31 7.93
CA LEU B 203 -24.00 12.63 7.66
C LEU B 203 -23.54 11.88 6.43
N SER B 204 -23.10 12.59 5.42
CA SER B 204 -22.48 11.97 4.26
C SER B 204 -21.04 12.41 4.33
N ILE B 205 -20.12 11.44 4.22
CA ILE B 205 -18.68 11.67 4.26
C ILE B 205 -18.12 11.18 2.91
N THR B 206 -17.37 12.04 2.20
CA THR B 206 -16.70 11.62 0.95
C THR B 206 -15.19 11.44 1.15
N LEU B 207 -14.66 10.37 0.57
CA LEU B 207 -13.23 10.03 0.77
C LEU B 207 -12.62 9.84 -0.60
N GLY B 208 -11.61 10.65 -0.90
CA GLY B 208 -10.84 10.44 -2.15
C GLY B 208 -11.66 10.37 -3.44
N THR B 209 -12.73 11.17 -3.53
CA THR B 209 -13.44 11.39 -4.79
C THR B 209 -13.48 12.94 -5.11
N SER B 210 -13.33 13.28 -6.40
CA SER B 210 -13.39 14.73 -6.75
C SER B 210 -14.85 15.19 -7.05
N LEU B 211 -15.78 14.23 -7.06
CA LEU B 211 -17.24 14.42 -7.12
C LEU B 211 -17.64 14.99 -8.52
N GLN B 212 -16.86 14.66 -9.53
CA GLN B 212 -17.01 15.27 -10.87
C GLN B 212 -17.99 14.54 -11.74
N ILE B 213 -18.30 13.30 -11.40
CA ILE B 213 -19.14 12.46 -12.25
C ILE B 213 -20.59 12.38 -11.73
N ARG B 214 -21.57 12.60 -12.61
CA ARG B 214 -23.01 12.51 -12.29
C ARG B 214 -23.55 11.18 -12.75
N PRO B 215 -24.43 10.53 -12.00
CA PRO B 215 -25.05 11.05 -10.81
C PRO B 215 -24.24 10.77 -9.53
N SER B 216 -23.20 9.99 -9.61
CA SER B 216 -22.46 9.52 -8.40
C SER B 216 -21.96 10.60 -7.49
N GLY B 217 -21.27 11.57 -8.07
CA GLY B 217 -20.69 12.68 -7.30
C GLY B 217 -21.67 13.70 -6.72
N ASN B 218 -22.93 13.58 -7.10
CA ASN B 218 -24.00 14.40 -6.57
C ASN B 218 -24.80 13.76 -5.43
N LEU B 219 -24.77 12.44 -5.33
CA LEU B 219 -25.38 11.67 -4.24
C LEU B 219 -25.12 12.27 -2.86
N PRO B 220 -23.87 12.64 -2.54
CA PRO B 220 -23.74 13.28 -1.25
C PRO B 220 -24.53 14.55 -1.00
N LEU B 221 -24.79 15.31 -2.07
CA LEU B 221 -25.64 16.49 -1.92
C LEU B 221 -27.04 16.15 -1.46
N ALA B 222 -27.57 14.99 -1.85
CA ALA B 222 -28.92 14.62 -1.37
C ALA B 222 -29.04 14.62 0.16
N THR B 223 -27.96 14.32 0.87
CA THR B 223 -27.94 14.38 2.32
C THR B 223 -28.15 15.84 2.77
N LYS B 224 -27.51 16.75 2.08
CA LYS B 224 -27.69 18.16 2.40
C LYS B 224 -29.20 18.65 2.51
N ARG B 225 -30.11 17.93 1.85
CA ARG B 225 -31.56 18.21 1.75
C ARG B 225 -32.37 18.22 3.03
N ARG B 226 -32.15 17.31 3.98
CA ARG B 226 -33.00 17.40 5.20
C ARG B 226 -32.21 17.91 6.36
N GLY B 227 -31.26 18.78 6.03
CA GLY B 227 -30.41 19.41 7.02
C GLY B 227 -29.26 18.53 7.35
N GLY B 228 -29.04 17.47 6.57
CA GLY B 228 -27.96 16.56 6.85
C GLY B 228 -26.64 17.27 6.68
N ARG B 229 -25.59 16.73 7.27
CA ARG B 229 -24.26 17.32 7.14
C ARG B 229 -23.49 16.61 6.06
N LEU B 230 -22.49 17.33 5.55
CA LEU B 230 -21.64 16.82 4.46
C LEU B 230 -20.19 17.07 4.81
N VAL B 231 -19.36 16.01 4.74
CA VAL B 231 -17.93 16.14 4.99
C VAL B 231 -17.22 15.61 3.75
N ILE B 232 -16.21 16.39 3.30
CA ILE B 232 -15.45 16.07 2.12
C ILE B 232 -13.99 15.91 2.50
N VAL B 233 -13.41 14.70 2.29
CA VAL B 233 -12.00 14.41 2.61
C VAL B 233 -11.31 14.16 1.24
N ASN B 234 -10.36 15.02 0.92
CA ASN B 234 -9.75 15.03 -0.40
C ASN B 234 -8.56 15.95 -0.46
N LEU B 235 -7.55 15.53 -1.20
CA LEU B 235 -6.31 16.34 -1.43
C LEU B 235 -6.50 17.52 -2.38
N GLN B 236 -7.25 17.32 -3.44
CA GLN B 236 -7.56 18.40 -4.34
C GLN B 236 -8.89 19.03 -4.00
N PRO B 237 -9.19 20.21 -4.61
CA PRO B 237 -10.57 20.65 -4.59
C PRO B 237 -11.49 19.71 -5.29
N THR B 238 -12.75 19.74 -4.84
CA THR B 238 -13.83 18.95 -5.40
C THR B 238 -14.92 19.89 -5.89
N LYS B 239 -15.71 19.38 -6.81
CA LYS B 239 -16.82 20.13 -7.36
C LYS B 239 -17.82 20.68 -6.32
N HIS B 240 -17.92 20.12 -5.10
CA HIS B 240 -18.96 20.55 -4.18
C HIS B 240 -18.41 21.11 -2.92
N ASP B 241 -17.19 21.58 -2.98
CA ASP B 241 -16.57 22.09 -1.80
C ASP B 241 -17.44 23.12 -1.07
N ARG B 242 -18.17 23.94 -1.84
CA ARG B 242 -18.95 25.07 -1.32
C ARG B 242 -20.10 24.57 -0.44
N HIS B 243 -20.67 23.42 -0.81
CA HIS B 243 -21.77 22.80 -0.06
C HIS B 243 -21.31 22.08 1.24
N ALA B 244 -20.02 21.82 1.45
CA ALA B 244 -19.60 20.99 2.63
C ALA B 244 -19.55 21.79 3.90
N ASP B 245 -19.94 21.13 4.98
CA ASP B 245 -19.76 21.65 6.33
C ASP B 245 -18.35 21.58 6.85
N LEU B 246 -17.58 20.62 6.35
CA LEU B 246 -16.25 20.38 6.83
C LEU B 246 -15.40 19.82 5.66
N ARG B 247 -14.23 20.42 5.38
CA ARG B 247 -13.41 19.98 4.22
C ARG B 247 -12.09 19.63 4.86
N ILE B 248 -11.61 18.42 4.62
CA ILE B 248 -10.36 17.99 5.26
C ILE B 248 -9.39 17.65 4.12
N HIS B 249 -8.30 18.39 4.00
CA HIS B 249 -7.32 18.29 2.95
C HIS B 249 -6.17 17.56 3.52
N GLY B 250 -6.14 16.23 3.33
CA GLY B 250 -4.98 15.45 3.80
C GLY B 250 -5.13 14.04 3.27
N TYR B 251 -4.11 13.22 3.50
CA TYR B 251 -4.22 11.79 3.12
C TYR B 251 -5.30 11.08 3.88
N VAL B 252 -6.22 10.44 3.14
CA VAL B 252 -7.33 9.70 3.74
C VAL B 252 -6.90 8.66 4.75
N ASP B 253 -5.79 7.96 4.53
CA ASP B 253 -5.35 7.02 5.55
C ASP B 253 -4.97 7.76 6.87
N GLU B 254 -4.34 8.96 6.80
CA GLU B 254 -4.03 9.70 8.03
C GLU B 254 -5.32 10.08 8.73
N VAL B 255 -6.25 10.67 7.98
CA VAL B 255 -7.59 11.11 8.49
C VAL B 255 -8.30 9.96 9.14
N MET B 256 -8.41 8.84 8.40
CA MET B 256 -9.11 7.66 8.95
C MET B 256 -8.40 7.01 10.13
N THR B 257 -7.09 6.94 10.16
CA THR B 257 -6.32 6.37 11.31
C THR B 257 -6.58 7.28 12.55
N ARG B 258 -6.51 8.60 12.36
CA ARG B 258 -6.79 9.48 13.51
C ARG B 258 -8.24 9.38 13.97
N LEU B 259 -9.15 9.26 13.02
CA LEU B 259 -10.52 9.23 13.34
C LEU B 259 -10.83 7.95 14.18
N MET B 260 -10.37 6.82 13.67
CA MET B 260 -10.59 5.55 14.41
C MET B 260 -10.04 5.60 15.85
N LYS B 261 -8.89 6.22 16.02
CA LYS B 261 -8.27 6.39 17.35
C LYS B 261 -9.13 7.24 18.24
N HIS B 262 -9.69 8.30 17.70
CA HIS B 262 -10.66 9.09 18.50
C HIS B 262 -11.93 8.32 18.81
N LEU B 263 -12.33 7.46 17.89
CA LEU B 263 -13.48 6.62 18.15
C LEU B 263 -13.20 5.43 19.13
N GLY B 264 -11.95 5.11 19.38
CA GLY B 264 -11.50 4.06 20.31
C GLY B 264 -11.66 2.75 19.58
N LEU B 265 -11.55 2.76 18.26
CA LEU B 265 -11.72 1.57 17.42
C LEU B 265 -10.41 1.14 16.81
N GLU B 266 -10.19 -0.17 16.76
CA GLU B 266 -8.99 -0.73 16.09
C GLU B 266 -9.28 -0.94 14.61
N ILE B 267 -8.30 -0.79 13.77
CA ILE B 267 -8.36 -1.15 12.34
C ILE B 267 -8.02 -2.67 12.27
N PRO B 268 -8.98 -3.45 11.82
CA PRO B 268 -8.82 -4.95 11.77
C PRO B 268 -7.93 -5.44 10.67
N ALA B 269 -7.42 -6.64 10.93
CA ALA B 269 -6.43 -7.25 10.14
C ALA B 269 -7.17 -7.74 8.90
N TRP B 270 -6.54 -7.69 7.73
CA TRP B 270 -7.12 -8.32 6.55
C TRP B 270 -6.69 -9.79 6.47
N ASP B 271 -7.65 -10.70 6.36
CA ASP B 271 -7.35 -12.15 6.20
C ASP B 271 -6.95 -12.61 4.79
N GLY B 272 -6.97 -11.71 3.81
CA GLY B 272 -6.86 -12.05 2.40
C GLY B 272 -8.20 -11.82 1.73
N PRO B 273 -8.28 -12.03 0.41
CA PRO B 273 -9.56 -11.90 -0.34
C PRO B 273 -10.71 -12.78 0.13
N ARG B 274 -11.80 -12.16 0.55
CA ARG B 274 -12.98 -12.82 1.18
C ARG B 274 -14.19 -12.09 0.66
N VAL B 275 -15.33 -12.75 0.45
CA VAL B 275 -16.53 -12.14 0.00
C VAL B 275 -17.53 -12.42 1.04
N LEU B 276 -18.23 -11.38 1.46
CA LEU B 276 -19.29 -11.51 2.46
C LEU B 276 -20.48 -10.93 1.83
N GLU B 277 -21.54 -11.71 1.64
CA GLU B 277 -22.78 -11.22 1.03
C GLU B 277 -23.61 -10.35 1.91
N ARG B 278 -23.75 -10.77 3.18
CA ARG B 278 -24.70 -10.12 4.04
C ARG B 278 -24.02 -9.68 5.36
N ALA B 279 -24.36 -8.48 5.79
CA ALA B 279 -23.78 -7.86 6.95
C ALA B 279 -24.16 -8.76 8.15
N LEU B 280 -23.20 -8.92 9.04
CA LEU B 280 -23.40 -9.71 10.25
C LEU B 280 -24.06 -8.78 11.28
N PRO B 281 -24.67 -9.38 12.32
CA PRO B 281 -25.20 -8.47 13.36
C PRO B 281 -24.06 -7.61 14.04
N PRO B 282 -24.41 -6.43 14.51
CA PRO B 282 -23.42 -5.45 15.05
C PRO B 282 -22.59 -5.91 16.27
N LEU B 283 -21.30 -5.54 16.28
CA LEU B 283 -20.39 -5.80 17.41
C LEU B 283 -20.51 -4.70 18.46
N PRO B 284 -20.16 -5.00 19.70
CA PRO B 284 -20.09 -3.99 20.73
C PRO B 284 -19.14 -2.85 20.34
N ARG B 285 -19.54 -1.60 20.68
CA ARG B 285 -18.58 -0.47 20.48
C ARG B 285 -18.41 0.40 21.71
N PRO B 286 -17.42 1.28 21.69
CA PRO B 286 -17.26 2.03 22.89
C PRO B 286 -18.42 2.95 23.19
N PRO B 287 -18.56 3.27 24.45
CA PRO B 287 -19.59 4.23 24.77
C PRO B 287 -19.15 5.59 24.22
N THR B 288 -20.11 6.45 24.03
CA THR B 288 -19.99 7.70 23.28
C THR B 288 -19.62 8.84 24.21
N PRO B 289 -18.76 9.79 23.79
CA PRO B 289 -18.50 10.89 24.77
C PRO B 289 -19.65 11.87 24.95
N LYS B 290 -19.54 12.76 25.92
CA LYS B 290 -20.65 13.75 26.12
C LYS B 290 -20.67 14.83 25.02
#